data_7TZ0
#
_entry.id   7TZ0
#
_cell.length_a   1.00
_cell.length_b   1.00
_cell.length_c   1.00
_cell.angle_alpha   90.00
_cell.angle_beta   90.00
_cell.angle_gamma   90.00
#
_symmetry.space_group_name_H-M   'P 1'
#
loop_
_entity.id
_entity.type
_entity.pdbx_description
1 polymer 'Spike glycoprotein'
2 polymer 'DARPin FSR22'
#
loop_
_entity_poly.entity_id
_entity_poly.type
_entity_poly.pdbx_seq_one_letter_code
_entity_poly.pdbx_strand_id
1 'polypeptide(L)'
;QCVNLTTRTQLPPAYTNSFTRGVYYPDKVFRSSVLHSTQDLFLPFFSNVTWFHAIHVSGTNGTKRFDNPVLPFNDGVYFA
STEKSNIIRGWIFGTTLDSKTQSLLIVNNATNVVIKVCEFQFCNDPFLGVYYHKNNKSWMESEFRVYSSANNCTFEYVSQ
PFLMDLEGKQGNFKNLREFVFKNIDGYFKIYSKHTPINLVRDLPQGFSALEPLVDLPIGINITRFQTLLALHRSYLTPGD
SSSGWTAGAAAYYVGYLQPRTFLLKYNENGTITDAVDCALDPLSETKCTLKSFTVEKGIYQTSNFRVQPTESIVRFPNIT
NLCPFGEVFNATRFASVYAWNRKRISNCVADYSVLYNSASFSTFKCYGVSPTKLNDLCFTNVYADSFVIRGDEVRQIAPG
QTGKIADYNYKLPDDFTGCVIAWNSNNLDSKVGGNYNYLYRLFRKSNLKPFERDISTEIYQAGSTPCNGVEGFNCYFPLQ
SYGFQPTNGVGYQPYRVVVLSFELLHAPATVCGPKKSTNLVKNKCVNFNFNGLTGTGVLTESNKKFLPFQQFGRDIADTT
DAVRDPQTLEILDITPCSFGGVSVITPGTNTSNQVAVLYQDVNCTEVPVAIHADQLTPTWRVYSTGSNVFQTRAGCLIGA
EHVNNSYECDIPIGAGICASYQTQTNSPGSASSVASQSIIAYTMSLGAENSVAYSNNSIAIPTNFTISVTTEILPVSMTK
TSVDCTMYICGDSTECSNLLLQYGSFCTQLNRALTGIAVEQDKNTQEVFAQVKQIYKTPPIKDFGGFNFSQILPDPSKPS
KRSPIEDLLFNKVTLADAGFIKQYGDCLGDIAARDLICAQKFNGLTVLPPLLTDEMIAQYTSALLAGTITSGWTFGAGPA
LQIPFPMQMAYRFNGIGVTQNVLYENQKLIANQFNSAIGKIQDSLSSTPSALGKLQDVVNQNAQALNTLVKQLSSNFGAI
SSVLNDILSRLDPPEAEVQIDRLITGRLQSLQTYVTQQLIRAAEIRASANLAATKMSECVLGQSKRVDFCGKGYHLMSFP
QSAPHGVVFLHVTYVPAQEKNFTTAPAICHDGKAHFPREGVFVSNGTHWFVTQRNFYEPQIITTDNTFVSGNCDVVIGIV
NNTVYDPLQPELDSFKEELDKYFKNHTSPDVDLGDISGINASVVNIQKEIDRLNEVAKNLNESLIDLQELGKYEQGSGYI
PEAPRDGQAYVRKDGEWVLLSTFLGRSLEVLFQGPGHHHHHHHHSAW
;
A
2 'polypeptide(L)'
;MGSSHHHHHHSSGMEQKLISEEDLDGYIPEAPRDGQAYVRKDGEWVLLSTFLGGGGSLQGGGGSLQGSDLGKKLLEAARA
GQDDEVRILMANGADVNACDPSGITPLHLAADKGHLEIVEVLLKYGADVNAMDVWGRTPLHLAAFTGHLEIVEVLLKYGA
DVNACDLNGYTPLHLAAGRGHLEIVEVLLKNGAGVNAQDKFGKTAFDISIDNGNEDLAEILQSSS
;
B
#
# COMPACT_ATOMS: atom_id res chain seq x y z
N LEU A 322 0.30 -1.82 41.10
CA LEU A 322 -0.88 -1.10 41.55
C LEU A 322 -1.56 -0.36 40.41
N CYS A 323 -1.25 -0.77 39.18
CA CYS A 323 -1.88 -0.17 38.00
C CYS A 323 -2.44 -1.25 37.10
N PRO A 324 -3.53 -0.96 36.38
CA PRO A 324 -4.21 -1.99 35.58
C PRO A 324 -3.54 -2.30 34.24
N PHE A 325 -2.53 -3.18 34.30
CA PHE A 325 -2.01 -3.77 33.08
C PHE A 325 -2.94 -4.85 32.51
N GLY A 326 -3.91 -5.30 33.30
CA GLY A 326 -4.87 -6.26 32.78
C GLY A 326 -5.78 -5.66 31.72
N GLU A 327 -6.19 -4.39 31.91
CA GLU A 327 -7.10 -3.77 30.97
C GLU A 327 -6.43 -3.40 29.65
N VAL A 328 -5.11 -3.51 29.55
CA VAL A 328 -4.40 -3.22 28.30
C VAL A 328 -3.93 -4.54 27.70
N PHE A 329 -3.83 -5.58 28.54
CA PHE A 329 -3.42 -6.89 28.06
C PHE A 329 -4.61 -7.80 27.81
N ASN A 330 -5.48 -7.97 28.81
CA ASN A 330 -6.66 -8.81 28.68
C ASN A 330 -7.88 -8.04 28.17
N ALA A 331 -7.66 -6.95 27.43
CA ALA A 331 -8.77 -6.19 26.88
C ALA A 331 -9.39 -6.94 25.71
N THR A 332 -10.45 -6.35 25.15
CA THR A 332 -11.12 -6.90 23.98
C THR A 332 -11.31 -5.90 22.84
N ARG A 333 -11.18 -4.60 23.09
CA ARG A 333 -11.31 -3.57 22.07
C ARG A 333 -9.95 -2.93 21.84
N PHE A 334 -9.48 -2.94 20.61
CA PHE A 334 -8.13 -2.47 20.29
C PHE A 334 -8.19 -1.57 19.06
N ALA A 335 -7.19 -0.68 18.98
CA ALA A 335 -7.08 0.26 17.89
C ALA A 335 -6.40 -0.40 16.70
N SER A 336 -6.02 0.39 15.70
CA SER A 336 -5.39 -0.10 14.48
C SER A 336 -4.00 0.52 14.33
N VAL A 337 -3.36 0.21 13.20
CA VAL A 337 -2.00 0.69 12.95
C VAL A 337 -1.98 2.22 12.83
N TYR A 338 -2.94 2.78 12.10
CA TYR A 338 -2.94 4.21 11.82
C TYR A 338 -3.42 5.05 13.00
N ALA A 339 -4.03 4.44 14.01
CA ALA A 339 -4.57 5.15 15.16
C ALA A 339 -4.20 4.45 16.46
N TRP A 340 -2.92 4.11 16.59
CA TRP A 340 -2.45 3.41 17.79
C TRP A 340 -2.72 4.25 19.03
N ASN A 341 -3.14 3.56 20.10
CA ASN A 341 -3.57 4.25 21.31
C ASN A 341 -2.39 4.87 22.04
N ARG A 342 -2.55 6.14 22.43
CA ARG A 342 -1.53 6.87 23.17
C ARG A 342 -1.89 6.81 24.65
N LYS A 343 -1.10 6.05 25.42
CA LYS A 343 -1.36 5.82 26.83
C LYS A 343 -0.15 6.18 27.66
N ARG A 344 -0.39 6.85 28.78
CA ARG A 344 0.65 7.17 29.76
C ARG A 344 0.21 6.65 31.12
N ILE A 345 1.10 5.92 31.79
CA ILE A 345 0.77 5.25 33.05
C ILE A 345 1.90 5.48 34.03
N SER A 346 1.55 5.74 35.29
CA SER A 346 2.55 6.03 36.32
C SER A 346 1.94 5.78 37.70
N ASN A 347 2.81 5.85 38.71
CA ASN A 347 2.44 5.70 40.12
C ASN A 347 1.78 4.34 40.33
N CYS A 348 2.60 3.30 40.23
CA CYS A 348 2.18 1.94 40.54
C CYS A 348 3.44 1.07 40.66
N VAL A 349 3.24 -0.25 40.67
CA VAL A 349 4.32 -1.22 40.54
C VAL A 349 3.95 -2.15 39.40
N ALA A 350 4.93 -2.46 38.55
CA ALA A 350 4.74 -3.30 37.38
C ALA A 350 5.46 -4.62 37.58
N ASP A 351 4.71 -5.72 37.46
CA ASP A 351 5.27 -7.06 37.61
C ASP A 351 5.91 -7.46 36.30
N TYR A 352 7.20 -7.15 36.15
CA TYR A 352 7.92 -7.54 34.94
C TYR A 352 8.07 -9.04 34.83
N SER A 353 8.08 -9.75 35.95
CA SER A 353 8.31 -11.19 35.95
C SER A 353 7.16 -11.96 35.31
N VAL A 354 5.97 -11.36 35.21
CA VAL A 354 4.82 -12.08 34.67
C VAL A 354 5.03 -12.44 33.20
N LEU A 355 5.89 -11.70 32.49
CA LEU A 355 6.15 -12.00 31.09
C LEU A 355 7.01 -13.25 30.93
N TYR A 356 7.99 -13.44 31.82
CA TYR A 356 8.89 -14.59 31.70
C TYR A 356 8.16 -15.90 31.90
N ASN A 357 7.09 -15.90 32.70
CA ASN A 357 6.28 -17.09 32.92
C ASN A 357 4.87 -16.91 32.36
N SER A 358 4.75 -16.10 31.31
CA SER A 358 3.44 -15.86 30.70
C SER A 358 2.89 -17.13 30.05
N ALA A 359 3.77 -18.00 29.55
CA ALA A 359 3.39 -19.25 28.89
C ALA A 359 2.54 -19.03 27.65
N SER A 360 2.49 -17.80 27.15
CA SER A 360 1.76 -17.50 25.93
C SER A 360 2.49 -16.53 25.01
N PHE A 361 3.71 -16.12 25.34
CA PHE A 361 4.48 -15.18 24.54
C PHE A 361 5.60 -15.93 23.83
N SER A 362 5.67 -15.78 22.51
CA SER A 362 6.68 -16.45 21.71
C SER A 362 7.60 -15.49 20.96
N THR A 363 7.26 -14.21 20.88
CA THR A 363 8.07 -13.26 20.12
C THR A 363 8.59 -12.16 21.03
N PHE A 364 9.15 -12.53 22.18
CA PHE A 364 9.71 -11.57 23.12
C PHE A 364 11.09 -11.09 22.62
N LYS A 365 11.08 -10.55 21.40
CA LYS A 365 12.28 -9.97 20.81
C LYS A 365 12.48 -8.61 21.46
N CYS A 366 13.02 -8.62 22.68
CA CYS A 366 13.06 -7.43 23.49
C CYS A 366 14.32 -6.63 23.18
N TYR A 367 14.24 -5.32 23.40
CA TYR A 367 15.26 -4.39 22.92
C TYR A 367 15.77 -3.52 24.06
N GLY A 368 16.93 -2.90 23.81
CA GLY A 368 17.40 -1.77 24.58
C GLY A 368 17.98 -2.08 25.95
N VAL A 369 17.44 -3.10 26.61
CA VAL A 369 17.86 -3.50 27.95
C VAL A 369 17.69 -5.00 28.06
N SER A 370 18.67 -5.68 28.64
CA SER A 370 18.53 -7.12 28.86
C SER A 370 17.38 -7.40 29.81
N PRO A 371 16.53 -8.38 29.50
CA PRO A 371 15.43 -8.74 30.40
C PRO A 371 15.81 -8.78 31.87
N THR A 372 17.02 -9.26 32.21
CA THR A 372 17.41 -9.36 33.61
C THR A 372 17.77 -8.01 34.20
N LYS A 373 18.25 -7.07 33.39
CA LYS A 373 18.64 -5.76 33.91
C LYS A 373 17.42 -4.90 34.23
N LEU A 374 16.38 -5.00 33.40
CA LEU A 374 15.21 -4.13 33.54
C LEU A 374 14.36 -4.47 34.77
N ASN A 375 14.64 -5.58 35.46
CA ASN A 375 13.83 -5.95 36.62
C ASN A 375 14.01 -4.96 37.76
N ASP A 376 15.24 -4.80 38.24
CA ASP A 376 15.49 -3.98 39.42
C ASP A 376 15.19 -2.50 39.16
N LEU A 377 15.56 -2.01 37.98
CA LEU A 377 15.40 -0.59 37.68
C LEU A 377 13.92 -0.22 37.55
N CYS A 378 13.65 1.07 37.74
CA CYS A 378 12.28 1.58 37.73
C CYS A 378 12.32 3.09 37.52
N PHE A 379 11.68 3.57 36.47
CA PHE A 379 11.75 4.97 36.10
C PHE A 379 10.39 5.43 35.55
N THR A 380 10.34 6.69 35.12
CA THR A 380 9.15 7.29 34.53
C THR A 380 9.12 7.01 33.03
N ASN A 381 8.22 7.70 32.33
CA ASN A 381 8.07 7.62 30.87
C ASN A 381 7.82 6.17 30.45
N VAL A 382 6.63 5.70 30.81
CA VAL A 382 6.24 4.31 30.68
C VAL A 382 5.31 4.20 29.49
N TYR A 383 5.54 5.07 28.50
CA TYR A 383 4.78 5.11 27.25
C TYR A 383 4.45 3.71 26.75
N ALA A 384 3.17 3.48 26.45
CA ALA A 384 2.68 2.19 25.99
C ALA A 384 1.96 2.36 24.67
N ASP A 385 2.21 1.43 23.74
CA ASP A 385 1.56 1.41 22.45
C ASP A 385 0.96 0.02 22.23
N SER A 386 -0.13 -0.02 21.46
CA SER A 386 -0.82 -1.28 21.22
C SER A 386 -1.64 -1.17 19.95
N PHE A 387 -1.53 -2.18 19.08
CA PHE A 387 -2.29 -2.26 17.84
C PHE A 387 -2.17 -3.69 17.32
N VAL A 388 -2.63 -3.92 16.10
CA VAL A 388 -2.55 -5.22 15.45
C VAL A 388 -1.67 -5.11 14.23
N ILE A 389 -1.18 -6.25 13.76
CA ILE A 389 -0.29 -6.32 12.60
C ILE A 389 -0.41 -7.70 11.97
N ARG A 390 -0.12 -7.77 10.68
CA ARG A 390 -0.15 -9.04 9.96
C ARG A 390 0.96 -9.96 10.46
N GLY A 391 0.80 -11.25 10.19
CA GLY A 391 1.70 -12.27 10.71
C GLY A 391 3.13 -12.19 10.24
N ASP A 392 3.36 -12.39 8.94
CA ASP A 392 4.73 -12.54 8.44
C ASP A 392 5.54 -11.25 8.52
N GLU A 393 4.89 -10.10 8.70
CA GLU A 393 5.58 -8.82 8.70
C GLU A 393 5.83 -8.28 10.11
N VAL A 394 5.76 -9.14 11.14
CA VAL A 394 6.03 -8.68 12.50
C VAL A 394 7.47 -8.23 12.64
N ARG A 395 8.37 -8.78 11.82
CA ARG A 395 9.79 -8.40 11.91
C ARG A 395 10.03 -6.96 11.50
N GLN A 396 9.09 -6.34 10.77
CA GLN A 396 9.26 -4.94 10.37
C GLN A 396 9.27 -4.00 11.56
N ILE A 397 8.73 -4.42 12.71
CA ILE A 397 8.75 -3.61 13.91
C ILE A 397 10.10 -3.75 14.58
N ALA A 398 11.04 -2.86 14.24
CA ALA A 398 12.38 -2.90 14.81
C ALA A 398 13.05 -1.57 14.56
N PRO A 399 13.73 -0.99 15.55
CA PRO A 399 14.44 0.27 15.33
C PRO A 399 15.54 0.11 14.29
N GLY A 400 15.72 1.15 13.47
CA GLY A 400 16.76 1.14 12.47
C GLY A 400 16.61 0.09 11.39
N GLN A 401 15.42 -0.50 11.25
CA GLN A 401 15.17 -1.53 10.27
C GLN A 401 14.01 -1.09 9.37
N THR A 402 14.22 -1.19 8.06
CA THR A 402 13.22 -0.75 7.11
C THR A 402 12.09 -1.77 7.00
N GLY A 403 10.96 -1.30 6.47
CA GLY A 403 9.80 -2.16 6.29
C GLY A 403 8.67 -1.34 5.71
N LYS A 404 7.63 -2.06 5.27
CA LYS A 404 6.47 -1.39 4.68
C LYS A 404 5.79 -0.49 5.69
N ILE A 405 5.51 -1.00 6.88
CA ILE A 405 4.95 -0.17 7.94
C ILE A 405 5.99 0.82 8.46
N ALA A 406 7.23 0.36 8.61
CA ALA A 406 8.28 1.22 9.17
C ALA A 406 8.56 2.42 8.28
N ASP A 407 8.37 2.29 6.96
CA ASP A 407 8.66 3.37 6.05
C ASP A 407 7.44 4.20 5.67
N TYR A 408 6.22 3.67 5.84
CA TYR A 408 5.05 4.39 5.37
C TYR A 408 3.93 4.47 6.40
N ASN A 409 3.86 3.52 7.33
CA ASN A 409 2.71 3.46 8.23
C ASN A 409 3.04 3.82 9.67
N TYR A 410 4.16 3.32 10.22
CA TYR A 410 4.50 3.62 11.61
C TYR A 410 6.01 3.59 11.76
N LYS A 411 6.60 4.77 11.96
CA LYS A 411 8.02 4.85 12.27
C LYS A 411 8.27 4.37 13.69
N LEU A 412 9.46 3.81 13.91
CA LEU A 412 9.91 3.46 15.24
C LEU A 412 11.02 4.43 15.65
N PRO A 413 10.87 5.17 16.73
CA PRO A 413 11.95 6.06 17.19
C PRO A 413 13.23 5.26 17.42
N ASP A 414 14.27 5.62 16.69
CA ASP A 414 15.51 4.85 16.73
C ASP A 414 16.18 4.97 18.09
N ASP A 415 17.13 4.06 18.34
CA ASP A 415 17.75 3.91 19.66
C ASP A 415 16.69 3.69 20.73
N PHE A 416 15.73 2.84 20.40
CA PHE A 416 14.51 2.68 21.20
C PHE A 416 14.85 1.78 22.39
N THR A 417 14.92 2.38 23.58
CA THR A 417 15.29 1.64 24.78
C THR A 417 14.07 1.13 25.54
N GLY A 418 13.18 0.48 24.80
CA GLY A 418 11.97 -0.11 25.35
C GLY A 418 11.89 -1.58 24.98
N CYS A 419 10.69 -2.13 25.06
CA CYS A 419 10.51 -3.56 24.86
C CYS A 419 9.15 -3.80 24.24
N VAL A 420 9.04 -4.89 23.47
CA VAL A 420 7.85 -5.17 22.68
C VAL A 420 7.41 -6.61 22.90
N ILE A 421 6.10 -6.85 22.74
CA ILE A 421 5.51 -8.17 22.89
C ILE A 421 4.50 -8.38 21.77
N ALA A 422 4.53 -9.57 21.17
CA ALA A 422 3.55 -9.94 20.15
C ALA A 422 3.23 -11.42 20.27
N TRP A 423 1.99 -11.78 19.97
CA TRP A 423 1.54 -13.16 20.11
C TRP A 423 0.37 -13.42 19.18
N ASN A 424 0.07 -14.71 18.99
CA ASN A 424 -1.04 -15.12 18.14
C ASN A 424 -2.28 -15.30 19.02
N SER A 425 -3.39 -14.72 18.59
CA SER A 425 -4.65 -14.77 19.33
C SER A 425 -5.81 -15.02 18.37
N ASN A 426 -5.64 -16.01 17.48
CA ASN A 426 -6.62 -16.23 16.41
C ASN A 426 -7.99 -16.65 16.97
N ASN A 427 -8.04 -17.09 18.22
CA ASN A 427 -9.28 -17.64 18.76
C ASN A 427 -10.39 -16.61 18.87
N LEU A 428 -10.05 -15.34 19.08
CA LEU A 428 -11.06 -14.31 19.26
C LEU A 428 -11.12 -13.28 18.13
N ASP A 429 -10.00 -12.97 17.49
CA ASP A 429 -10.01 -12.00 16.40
C ASP A 429 -10.18 -12.66 15.03
N SER A 430 -11.21 -13.50 14.92
CA SER A 430 -11.48 -14.21 13.69
C SER A 430 -12.96 -14.49 13.56
N LYS A 431 -13.51 -14.27 12.37
CA LYS A 431 -14.91 -14.55 12.10
C LYS A 431 -15.03 -15.16 10.72
N VAL A 432 -16.15 -15.86 10.51
CA VAL A 432 -16.40 -16.48 9.21
C VAL A 432 -16.68 -15.41 8.17
N GLY A 433 -16.05 -15.54 7.01
CA GLY A 433 -16.21 -14.58 5.93
C GLY A 433 -15.21 -13.43 5.94
N GLY A 434 -14.40 -13.31 6.97
CA GLY A 434 -13.41 -12.27 7.03
C GLY A 434 -13.79 -11.17 8.02
N ASN A 435 -12.77 -10.45 8.48
CA ASN A 435 -12.92 -9.33 9.40
C ASN A 435 -12.52 -8.06 8.65
N TYR A 436 -13.48 -7.45 7.95
CA TYR A 436 -13.21 -6.26 7.14
C TYR A 436 -13.48 -4.99 7.95
N ASN A 437 -12.74 -4.85 9.05
CA ASN A 437 -12.82 -3.69 9.93
C ASN A 437 -11.52 -2.91 9.99
N TYR A 438 -10.39 -3.60 9.96
CA TYR A 438 -9.09 -2.95 10.08
C TYR A 438 -8.61 -2.45 8.73
N LEU A 439 -7.90 -1.32 8.74
CA LEU A 439 -7.38 -0.71 7.52
C LEU A 439 -5.97 -0.24 7.76
N TYR A 440 -5.30 0.17 6.69
CA TYR A 440 -3.97 0.76 6.76
C TYR A 440 -3.74 1.65 5.56
N ARG A 441 -2.88 2.65 5.76
CA ARG A 441 -2.59 3.66 4.74
C ARG A 441 -1.60 3.11 3.71
N LEU A 442 -1.52 3.79 2.57
CA LEU A 442 -0.70 3.35 1.46
C LEU A 442 0.41 4.34 1.10
N PHE A 443 0.10 5.63 0.97
CA PHE A 443 1.08 6.60 0.53
C PHE A 443 0.87 7.91 1.29
N ARG A 444 1.83 8.82 1.15
CA ARG A 444 1.78 10.13 1.79
C ARG A 444 2.82 11.02 1.13
N LYS A 445 2.73 12.31 1.42
CA LYS A 445 3.71 13.27 0.94
C LYS A 445 4.89 13.38 1.90
N SER A 446 4.63 13.53 3.19
CA SER A 446 5.68 13.76 4.17
C SER A 446 6.43 12.46 4.46
N ASN A 447 7.29 12.49 5.48
CA ASN A 447 8.05 11.34 5.91
C ASN A 447 7.72 11.03 7.36
N LEU A 448 7.88 9.76 7.74
CA LEU A 448 7.60 9.32 9.10
C LEU A 448 8.71 9.78 10.02
N LYS A 449 8.50 10.90 10.71
CA LYS A 449 9.43 11.32 11.73
C LYS A 449 9.40 10.33 12.90
N PRO A 450 10.51 10.19 13.63
CA PRO A 450 10.54 9.21 14.73
C PRO A 450 9.48 9.51 15.76
N PHE A 451 8.73 8.47 16.14
CA PHE A 451 7.63 8.56 17.10
C PHE A 451 6.63 9.63 16.66
N GLU A 452 5.96 9.34 15.55
CA GLU A 452 4.95 10.23 15.01
C GLU A 452 3.70 9.43 14.65
N ARG A 453 2.54 9.91 15.07
CA ARG A 453 1.26 9.43 14.58
C ARG A 453 0.57 10.58 13.87
N ASP A 454 0.24 10.38 12.60
CA ASP A 454 -0.40 11.40 11.77
C ASP A 454 -1.66 10.81 11.16
N ILE A 455 -2.76 10.87 11.91
CA ILE A 455 -4.04 10.44 11.38
C ILE A 455 -4.56 11.50 10.41
N SER A 456 -5.05 11.05 9.26
CA SER A 456 -5.54 11.97 8.24
C SER A 456 -6.59 11.27 7.40
N THR A 457 -7.42 12.09 6.76
CA THR A 457 -8.44 11.60 5.84
C THR A 457 -8.41 12.27 4.48
N GLU A 458 -7.65 13.35 4.32
CA GLU A 458 -7.53 14.00 3.02
C GLU A 458 -6.86 13.06 2.02
N ILE A 459 -7.30 13.14 0.78
CA ILE A 459 -6.84 12.25 -0.29
C ILE A 459 -5.77 12.99 -1.09
N TYR A 460 -4.61 12.34 -1.26
CA TYR A 460 -3.57 12.92 -2.08
C TYR A 460 -3.92 12.78 -3.56
N GLN A 461 -3.06 13.32 -4.42
CA GLN A 461 -3.33 13.37 -5.85
C GLN A 461 -2.11 12.94 -6.64
N ALA A 462 -2.38 12.44 -7.85
CA ALA A 462 -1.35 12.19 -8.84
C ALA A 462 -1.49 13.08 -10.08
N GLY A 463 -2.55 13.88 -10.16
CA GLY A 463 -2.75 14.78 -11.28
C GLY A 463 -3.50 16.01 -10.84
N SER A 464 -3.43 17.04 -11.68
CA SER A 464 -4.06 18.31 -11.37
C SER A 464 -5.59 18.25 -11.36
N THR A 465 -6.17 17.17 -11.85
CA THR A 465 -7.62 17.06 -11.85
C THR A 465 -8.16 16.97 -10.42
N PRO A 466 -9.10 17.82 -10.03
CA PRO A 466 -9.60 17.82 -8.65
C PRO A 466 -10.56 16.67 -8.41
N CYS A 467 -10.16 15.74 -7.54
CA CYS A 467 -11.03 14.64 -7.12
C CYS A 467 -11.74 15.01 -5.80
N ASN A 468 -12.55 16.07 -5.89
CA ASN A 468 -13.16 16.68 -4.71
C ASN A 468 -14.31 15.85 -4.16
N GLY A 469 -13.97 14.82 -3.37
CA GLY A 469 -14.98 14.00 -2.73
C GLY A 469 -15.56 12.94 -3.64
N VAL A 470 -16.03 13.33 -4.82
CA VAL A 470 -16.55 12.36 -5.78
C VAL A 470 -15.43 11.41 -6.20
N GLU A 471 -15.81 10.20 -6.56
CA GLU A 471 -14.83 9.19 -6.95
C GLU A 471 -14.05 9.65 -8.18
N GLY A 472 -12.75 9.32 -8.19
CA GLY A 472 -11.88 9.70 -9.28
C GLY A 472 -10.88 8.62 -9.59
N PHE A 473 -10.10 8.86 -10.64
CA PHE A 473 -9.13 7.87 -11.10
C PHE A 473 -7.94 7.79 -10.16
N ASN A 474 -7.20 8.89 -10.01
CA ASN A 474 -5.92 8.86 -9.33
C ASN A 474 -5.85 9.81 -8.15
N CYS A 475 -6.89 9.82 -7.31
CA CYS A 475 -6.91 10.69 -6.14
C CYS A 475 -6.60 9.94 -4.85
N TYR A 476 -5.83 8.85 -4.94
CA TYR A 476 -5.12 8.25 -3.81
C TYR A 476 -6.04 8.03 -2.61
N PHE A 477 -6.99 7.10 -2.79
CA PHE A 477 -7.89 6.76 -1.71
C PHE A 477 -7.06 6.33 -0.49
N PRO A 478 -7.33 6.90 0.69
CA PRO A 478 -6.36 6.83 1.79
C PRO A 478 -5.97 5.43 2.26
N LEU A 479 -6.94 4.62 2.69
CA LEU A 479 -6.64 3.36 3.35
C LEU A 479 -7.34 2.20 2.65
N GLN A 480 -6.79 1.01 2.87
CA GLN A 480 -7.35 -0.23 2.35
C GLN A 480 -7.43 -1.24 3.48
N SER A 481 -8.46 -2.08 3.42
CA SER A 481 -8.81 -2.96 4.53
C SER A 481 -8.03 -4.27 4.45
N TYR A 482 -8.32 -5.18 5.39
CA TYR A 482 -7.75 -6.52 5.44
C TYR A 482 -8.85 -7.56 5.28
N GLY A 483 -8.43 -8.82 5.27
CA GLY A 483 -9.35 -9.94 5.31
C GLY A 483 -8.87 -11.02 6.25
N PHE A 484 -9.66 -11.34 7.27
CA PHE A 484 -9.30 -12.32 8.29
C PHE A 484 -10.33 -13.44 8.27
N GLN A 485 -10.12 -14.41 7.40
CA GLN A 485 -11.01 -15.53 7.21
C GLN A 485 -10.65 -16.68 8.13
N PRO A 486 -11.61 -17.55 8.47
CA PRO A 486 -11.29 -18.69 9.34
C PRO A 486 -10.27 -19.65 8.74
N THR A 487 -10.21 -19.74 7.42
CA THR A 487 -9.28 -20.64 6.75
C THR A 487 -7.91 -20.02 6.51
N ASN A 488 -7.70 -18.77 6.91
CA ASN A 488 -6.41 -18.13 6.72
C ASN A 488 -5.34 -18.84 7.54
N GLY A 489 -4.13 -18.92 6.98
CA GLY A 489 -3.06 -19.62 7.65
C GLY A 489 -2.53 -18.86 8.85
N VAL A 490 -1.76 -19.58 9.66
CA VAL A 490 -1.15 -18.98 10.86
C VAL A 490 -0.19 -17.87 10.46
N GLY A 491 0.63 -18.12 9.43
CA GLY A 491 1.57 -17.12 8.96
C GLY A 491 0.91 -15.84 8.49
N TYR A 492 -0.30 -15.94 7.92
CA TYR A 492 -1.06 -14.78 7.49
C TYR A 492 -2.03 -14.28 8.55
N GLN A 493 -2.12 -14.97 9.68
CA GLN A 493 -3.06 -14.58 10.73
C GLN A 493 -2.50 -13.38 11.49
N PRO A 494 -3.30 -12.33 11.70
CA PRO A 494 -2.78 -11.13 12.36
C PRO A 494 -2.44 -11.38 13.83
N TYR A 495 -1.29 -10.87 14.25
CA TYR A 495 -0.82 -10.99 15.62
C TYR A 495 -1.02 -9.68 16.37
N ARG A 496 -1.44 -9.77 17.61
CA ARG A 496 -1.60 -8.60 18.47
C ARG A 496 -0.24 -8.21 19.04
N VAL A 497 0.06 -6.91 18.99
CA VAL A 497 1.37 -6.39 19.38
C VAL A 497 1.18 -5.24 20.35
N VAL A 498 2.04 -5.18 21.36
CA VAL A 498 2.09 -4.07 22.31
C VAL A 498 3.52 -3.58 22.39
N VAL A 499 3.68 -2.29 22.67
CA VAL A 499 4.99 -1.65 22.69
C VAL A 499 5.14 -0.87 23.99
N LEU A 500 6.29 -1.03 24.64
CA LEU A 500 6.61 -0.32 25.87
C LEU A 500 7.95 0.37 25.73
N SER A 501 8.05 1.58 26.27
CA SER A 501 9.28 2.35 26.26
C SER A 501 9.55 2.90 27.66
N PHE A 502 10.83 3.08 27.98
CA PHE A 502 11.22 3.54 29.31
C PHE A 502 12.47 4.41 29.19
N GLU A 503 12.36 5.66 29.62
CA GLU A 503 13.50 6.56 29.71
C GLU A 503 13.16 7.66 30.72
N LEU A 504 13.97 8.71 30.74
CA LEU A 504 13.86 9.73 31.77
C LEU A 504 13.70 11.11 31.15
N LEU A 505 13.12 12.01 31.95
CA LEU A 505 13.05 13.43 31.67
C LEU A 505 13.90 14.15 32.71
N HIS A 506 14.32 15.38 32.40
CA HIS A 506 15.22 16.13 33.27
C HIS A 506 14.64 16.35 34.66
N ALA A 507 13.32 16.27 34.82
CA ALA A 507 12.72 16.42 36.13
C ALA A 507 13.16 15.29 37.06
N PRO A 508 13.62 15.59 38.28
CA PRO A 508 14.08 14.54 39.19
C PRO A 508 12.94 13.87 39.94
N ALA A 509 13.28 12.98 40.88
CA ALA A 509 12.31 12.22 41.67
C ALA A 509 11.43 11.35 40.76
N THR A 510 12.07 10.35 40.17
CA THR A 510 11.38 9.44 39.27
C THR A 510 10.36 8.59 40.04
N VAL A 511 9.37 8.11 39.31
CA VAL A 511 8.32 7.24 39.84
C VAL A 511 8.60 5.83 39.37
N CYS A 512 8.72 4.90 40.31
CA CYS A 512 9.10 3.54 40.01
C CYS A 512 7.87 2.70 39.64
N GLY A 513 8.13 1.46 39.25
CA GLY A 513 7.09 0.52 38.89
C GLY A 513 7.51 -0.92 39.12
N GLY B 71 19.46 2.86 -13.53
CA GLY B 71 18.45 2.74 -12.51
C GLY B 71 17.54 3.95 -12.42
N LYS B 72 18.01 4.99 -11.72
CA LYS B 72 17.24 6.22 -11.62
C LYS B 72 17.27 7.03 -12.91
N LYS B 73 18.35 6.91 -13.69
CA LYS B 73 18.46 7.68 -14.93
C LYS B 73 17.41 7.26 -15.94
N LEU B 74 17.16 5.95 -16.06
CA LEU B 74 16.29 5.45 -17.12
C LEU B 74 14.84 5.89 -16.91
N LEU B 75 14.39 5.98 -15.65
CA LEU B 75 13.01 6.37 -15.40
C LEU B 75 12.76 7.82 -15.77
N GLU B 76 13.63 8.73 -15.30
CA GLU B 76 13.44 10.14 -15.60
C GLU B 76 13.69 10.44 -17.08
N ALA B 77 14.57 9.67 -17.73
CA ALA B 77 14.77 9.83 -19.16
C ALA B 77 13.51 9.46 -19.94
N ALA B 78 12.79 8.44 -19.48
CA ALA B 78 11.53 8.06 -20.12
C ALA B 78 10.48 9.16 -19.97
N ARG B 79 10.49 9.87 -18.85
CA ARG B 79 9.52 10.95 -18.65
C ARG B 79 9.82 12.13 -19.55
N ALA B 80 11.10 12.51 -19.67
CA ALA B 80 11.49 13.68 -20.44
C ALA B 80 11.38 13.48 -21.95
N GLY B 81 11.16 12.25 -22.41
CA GLY B 81 11.11 11.99 -23.83
C GLY B 81 12.44 12.15 -24.54
N GLN B 82 13.53 11.71 -23.92
CA GLN B 82 14.87 11.81 -24.51
C GLN B 82 15.19 10.48 -25.20
N ASP B 83 14.87 10.43 -26.50
CA ASP B 83 15.05 9.19 -27.26
C ASP B 83 16.53 8.79 -27.30
N ASP B 84 17.42 9.74 -27.54
CA ASP B 84 18.84 9.42 -27.60
C ASP B 84 19.39 9.05 -26.24
N GLU B 85 18.97 9.77 -25.19
CA GLU B 85 19.40 9.42 -23.84
C GLU B 85 18.89 8.05 -23.43
N VAL B 86 17.75 7.63 -24.00
CA VAL B 86 17.26 6.28 -23.75
C VAL B 86 18.24 5.26 -24.31
N ARG B 87 18.77 5.50 -25.51
CA ARG B 87 19.59 4.50 -26.18
C ARG B 87 20.95 4.37 -25.51
N ILE B 88 21.53 5.49 -25.06
CA ILE B 88 22.85 5.43 -24.43
C ILE B 88 22.79 4.63 -23.13
N LEU B 89 21.75 4.85 -22.33
CA LEU B 89 21.64 4.13 -21.06
C LEU B 89 21.21 2.69 -21.28
N MET B 90 20.31 2.45 -22.24
CA MET B 90 19.88 1.10 -22.53
C MET B 90 21.02 0.27 -23.12
N ALA B 91 21.92 0.91 -23.86
CA ALA B 91 23.13 0.23 -24.32
C ALA B 91 24.15 0.02 -23.21
N ASN B 92 23.95 0.63 -22.05
CA ASN B 92 24.83 0.43 -20.91
C ASN B 92 24.48 -0.79 -20.09
N GLY B 93 23.44 -1.53 -20.46
CA GLY B 93 23.03 -2.69 -19.70
C GLY B 93 22.06 -2.41 -18.59
N ALA B 94 21.36 -1.28 -18.62
CA ALA B 94 20.41 -0.95 -17.57
C ALA B 94 19.23 -1.91 -17.59
N ASP B 95 18.65 -2.13 -16.41
CA ASP B 95 17.51 -3.03 -16.29
C ASP B 95 16.31 -2.50 -17.06
N VAL B 96 15.69 -3.37 -17.86
CA VAL B 96 14.56 -2.97 -18.69
C VAL B 96 13.27 -2.88 -17.90
N ASN B 97 13.23 -3.47 -16.70
CA ASN B 97 12.01 -3.51 -15.89
C ASN B 97 12.21 -2.86 -14.53
N ALA B 98 13.05 -1.82 -14.46
CA ALA B 98 13.22 -1.09 -13.22
C ALA B 98 11.98 -0.28 -12.90
N CYS B 99 11.78 0.00 -11.62
CA CYS B 99 10.58 0.70 -11.17
C CYS B 99 10.91 1.57 -9.96
N ASP B 100 10.06 2.55 -9.73
CA ASP B 100 10.18 3.47 -8.60
C ASP B 100 9.64 2.78 -7.35
N PRO B 101 9.69 3.45 -6.19
CA PRO B 101 9.03 2.88 -5.01
C PRO B 101 7.55 2.61 -5.21
N SER B 102 6.89 3.34 -6.10
CA SER B 102 5.49 3.08 -6.44
C SER B 102 5.33 1.98 -7.48
N GLY B 103 6.41 1.39 -7.96
CA GLY B 103 6.33 0.32 -8.93
C GLY B 103 6.04 0.78 -10.34
N ILE B 104 6.48 1.99 -10.71
CA ILE B 104 6.25 2.52 -12.04
C ILE B 104 7.44 2.15 -12.92
N THR B 105 7.24 1.18 -13.79
CA THR B 105 8.22 0.84 -14.81
C THR B 105 8.23 1.91 -15.89
N PRO B 106 9.33 2.07 -16.63
CA PRO B 106 9.38 3.17 -17.60
C PRO B 106 8.54 2.93 -18.84
N LEU B 107 7.98 1.73 -19.02
CA LEU B 107 6.96 1.55 -20.04
C LEU B 107 5.69 2.31 -19.67
N HIS B 108 5.38 2.39 -18.38
CA HIS B 108 4.28 3.24 -17.91
C HIS B 108 4.55 4.70 -18.27
N LEU B 109 5.77 5.17 -18.01
CA LEU B 109 6.09 6.57 -18.26
C LEU B 109 6.04 6.90 -19.74
N ALA B 110 6.55 6.01 -20.59
CA ALA B 110 6.50 6.24 -22.02
C ALA B 110 5.07 6.27 -22.54
N ALA B 111 4.22 5.36 -22.04
CA ALA B 111 2.83 5.34 -22.47
C ALA B 111 2.07 6.55 -21.98
N ASP B 112 2.26 6.93 -20.71
CA ASP B 112 1.54 8.06 -20.14
C ASP B 112 1.95 9.37 -20.81
N LYS B 113 3.24 9.55 -21.07
CA LYS B 113 3.72 10.79 -21.68
C LYS B 113 3.51 10.82 -23.19
N GLY B 114 3.21 9.69 -23.81
CA GLY B 114 2.98 9.68 -25.24
C GLY B 114 4.23 9.67 -26.09
N HIS B 115 5.33 9.14 -25.57
CA HIS B 115 6.59 9.04 -26.33
C HIS B 115 6.55 7.73 -27.10
N LEU B 116 6.09 7.79 -28.34
CA LEU B 116 5.92 6.58 -29.14
C LEU B 116 7.26 5.92 -29.44
N GLU B 117 8.29 6.73 -29.71
CA GLU B 117 9.60 6.17 -30.07
C GLU B 117 10.19 5.37 -28.92
N ILE B 118 10.05 5.87 -27.69
CA ILE B 118 10.57 5.15 -26.52
C ILE B 118 9.83 3.83 -26.34
N VAL B 119 8.53 3.82 -26.63
CA VAL B 119 7.74 2.60 -26.47
C VAL B 119 8.29 1.48 -27.34
N GLU B 120 8.56 1.78 -28.61
CA GLU B 120 9.08 0.77 -29.53
C GLU B 120 10.44 0.26 -29.07
N VAL B 121 11.31 1.15 -28.60
CA VAL B 121 12.68 0.78 -28.27
C VAL B 121 12.71 -0.21 -27.11
N LEU B 122 11.90 0.04 -26.08
CA LEU B 122 11.93 -0.79 -24.88
C LEU B 122 11.42 -2.20 -25.17
N LEU B 123 10.30 -2.31 -25.90
CA LEU B 123 9.72 -3.63 -26.13
C LEU B 123 10.60 -4.50 -27.02
N LYS B 124 11.54 -3.88 -27.74
CA LYS B 124 12.40 -4.64 -28.65
C LYS B 124 13.28 -5.63 -27.88
N TYR B 125 13.78 -5.23 -26.72
CA TYR B 125 14.71 -6.05 -25.95
C TYR B 125 14.05 -6.78 -24.80
N GLY B 126 12.71 -6.79 -24.74
CA GLY B 126 12.03 -7.55 -23.71
C GLY B 126 11.47 -6.74 -22.56
N ALA B 127 10.84 -5.61 -22.86
CA ALA B 127 10.18 -4.84 -21.81
C ALA B 127 8.98 -5.59 -21.25
N ASP B 128 8.74 -5.41 -19.96
CA ASP B 128 7.63 -6.08 -19.28
C ASP B 128 6.32 -5.46 -19.74
N VAL B 129 5.63 -6.15 -20.66
CA VAL B 129 4.37 -5.64 -21.17
C VAL B 129 3.25 -5.78 -20.15
N ASN B 130 3.41 -6.65 -19.16
CA ASN B 130 2.41 -6.87 -18.12
C ASN B 130 2.84 -6.29 -16.78
N ALA B 131 3.69 -5.26 -16.79
CA ALA B 131 4.14 -4.65 -15.54
C ALA B 131 3.00 -3.91 -14.86
N MET B 132 2.99 -3.94 -13.52
CA MET B 132 1.96 -3.31 -12.74
C MET B 132 2.58 -2.50 -11.61
N ASP B 133 1.89 -1.42 -11.22
CA ASP B 133 2.30 -0.58 -10.12
C ASP B 133 1.63 -1.05 -8.83
N VAL B 134 1.70 -0.22 -7.78
CA VAL B 134 1.03 -0.56 -6.53
C VAL B 134 -0.47 -0.70 -6.72
N TRP B 135 -1.04 0.07 -7.64
CA TRP B 135 -2.46 -0.02 -7.97
C TRP B 135 -2.77 -1.11 -9.00
N GLY B 136 -1.74 -1.73 -9.58
CA GLY B 136 -1.94 -2.69 -10.63
C GLY B 136 -2.12 -2.10 -12.02
N ARG B 137 -1.83 -0.82 -12.18
CA ARG B 137 -2.03 -0.16 -13.47
C ARG B 137 -1.05 -0.71 -14.51
N THR B 138 -1.52 -0.84 -15.73
CA THR B 138 -0.68 -1.20 -16.86
C THR B 138 -0.47 0.01 -17.77
N PRO B 139 0.64 0.05 -18.52
CA PRO B 139 0.84 1.18 -19.45
C PRO B 139 -0.26 1.28 -20.49
N LEU B 140 -0.91 0.16 -20.83
CA LEU B 140 -2.05 0.21 -21.73
C LEU B 140 -3.19 1.02 -21.13
N HIS B 141 -3.41 0.90 -19.81
CA HIS B 141 -4.41 1.72 -19.14
C HIS B 141 -4.08 3.20 -19.27
N LEU B 142 -2.81 3.55 -19.07
CA LEU B 142 -2.40 4.95 -19.19
C LEU B 142 -2.58 5.45 -20.61
N ALA B 143 -2.19 4.64 -21.60
CA ALA B 143 -2.38 5.04 -23.00
C ALA B 143 -3.86 5.17 -23.34
N ALA B 144 -4.69 4.26 -22.85
CA ALA B 144 -6.12 4.32 -23.13
C ALA B 144 -6.76 5.55 -22.52
N PHE B 145 -6.37 5.90 -21.29
CA PHE B 145 -6.97 7.03 -20.60
C PHE B 145 -6.45 8.37 -21.13
N THR B 146 -5.19 8.43 -21.54
CA THR B 146 -4.63 9.67 -22.06
C THR B 146 -5.13 9.99 -23.46
N GLY B 147 -5.30 8.97 -24.30
CA GLY B 147 -5.73 9.17 -25.67
C GLY B 147 -4.60 9.05 -26.67
N HIS B 148 -3.76 8.03 -26.49
CA HIS B 148 -2.62 7.79 -27.36
C HIS B 148 -2.97 6.66 -28.33
N LEU B 149 -2.77 6.91 -29.62
CA LEU B 149 -3.30 6.02 -30.65
C LEU B 149 -2.41 4.81 -30.89
N GLU B 150 -1.18 5.03 -31.36
CA GLU B 150 -0.35 3.94 -31.84
C GLU B 150 0.40 3.20 -30.75
N ILE B 151 0.47 3.75 -29.54
CA ILE B 151 1.11 3.01 -28.45
C ILE B 151 0.24 1.81 -28.05
N VAL B 152 -1.07 1.96 -28.10
CA VAL B 152 -1.97 0.89 -27.68
C VAL B 152 -1.80 -0.33 -28.57
N GLU B 153 -1.79 -0.12 -29.89
CA GLU B 153 -1.76 -1.25 -30.81
C GLU B 153 -0.42 -2.00 -30.75
N VAL B 154 0.69 -1.27 -30.62
CA VAL B 154 1.99 -1.93 -30.62
C VAL B 154 2.15 -2.79 -29.37
N LEU B 155 1.60 -2.34 -28.24
CA LEU B 155 1.62 -3.17 -27.04
C LEU B 155 0.80 -4.44 -27.23
N LEU B 156 -0.37 -4.32 -27.86
CA LEU B 156 -1.17 -5.50 -28.17
C LEU B 156 -0.45 -6.42 -29.14
N LYS B 157 0.36 -5.84 -30.04
CA LYS B 157 1.20 -6.65 -30.91
C LYS B 157 2.24 -7.42 -30.12
N TYR B 158 2.82 -6.79 -29.08
CA TYR B 158 3.82 -7.46 -28.26
C TYR B 158 3.23 -8.54 -27.37
N GLY B 159 1.91 -8.54 -27.17
CA GLY B 159 1.27 -9.53 -26.33
C GLY B 159 0.69 -8.98 -25.05
N ALA B 160 0.18 -7.75 -25.11
CA ALA B 160 -0.39 -7.11 -23.93
C ALA B 160 -1.68 -7.81 -23.50
N ASP B 161 -1.83 -7.97 -22.19
CA ASP B 161 -3.05 -8.55 -21.64
C ASP B 161 -4.18 -7.53 -21.68
N VAL B 162 -5.42 -8.04 -21.75
CA VAL B 162 -6.57 -7.17 -21.93
C VAL B 162 -7.57 -7.34 -20.79
N ASN B 163 -7.56 -8.51 -20.14
CA ASN B 163 -8.54 -8.79 -19.10
C ASN B 163 -8.04 -8.46 -17.70
N ALA B 164 -6.83 -7.91 -17.57
CA ALA B 164 -6.31 -7.57 -16.26
C ALA B 164 -7.14 -6.46 -15.63
N CYS B 165 -7.43 -6.61 -14.33
CA CYS B 165 -8.22 -5.65 -13.58
C CYS B 165 -7.39 -5.10 -12.43
N ASP B 166 -7.44 -3.79 -12.24
CA ASP B 166 -6.70 -3.13 -11.17
C ASP B 166 -7.47 -3.28 -9.86
N LEU B 167 -7.06 -2.54 -8.83
CA LEU B 167 -7.78 -2.55 -7.57
C LEU B 167 -9.22 -2.12 -7.75
N ASN B 168 -9.47 -1.17 -8.66
CA ASN B 168 -10.83 -0.75 -8.96
C ASN B 168 -11.52 -1.69 -9.94
N GLY B 169 -10.77 -2.56 -10.62
CA GLY B 169 -11.36 -3.46 -11.58
C GLY B 169 -11.61 -2.88 -12.95
N TYR B 170 -11.06 -1.71 -13.25
CA TYR B 170 -11.28 -1.08 -14.55
C TYR B 170 -10.41 -1.75 -15.61
N THR B 171 -11.03 -2.19 -16.69
CA THR B 171 -10.36 -2.69 -17.87
C THR B 171 -9.99 -1.52 -18.78
N PRO B 172 -8.99 -1.69 -19.65
CA PRO B 172 -8.66 -0.60 -20.59
C PRO B 172 -9.83 -0.20 -21.47
N LEU B 173 -10.76 -1.11 -21.74
CA LEU B 173 -11.98 -0.75 -22.47
C LEU B 173 -12.81 0.25 -21.67
N HIS B 174 -12.88 0.08 -20.34
CA HIS B 174 -13.63 1.01 -19.52
C HIS B 174 -13.04 2.41 -19.58
N LEU B 175 -11.71 2.51 -19.59
CA LEU B 175 -11.06 3.83 -19.54
C LEU B 175 -11.38 4.66 -20.78
N ALA B 176 -11.39 4.03 -21.96
CA ALA B 176 -11.71 4.75 -23.18
C ALA B 176 -13.15 5.24 -23.17
N ALA B 177 -14.04 4.52 -22.50
CA ALA B 177 -15.44 4.94 -22.45
C ALA B 177 -15.60 6.24 -21.70
N GLY B 178 -14.86 6.42 -20.60
CA GLY B 178 -14.99 7.63 -19.81
C GLY B 178 -14.57 8.89 -20.55
N ARG B 179 -13.46 8.82 -21.27
CA ARG B 179 -12.93 9.95 -22.01
C ARG B 179 -13.35 9.93 -23.47
N GLY B 180 -14.18 8.99 -23.88
CA GLY B 180 -14.69 8.96 -25.24
C GLY B 180 -13.65 8.69 -26.31
N HIS B 181 -12.65 7.86 -26.02
CA HIS B 181 -11.63 7.51 -27.01
C HIS B 181 -12.20 6.40 -27.89
N LEU B 182 -12.79 6.82 -29.02
CA LEU B 182 -13.52 5.88 -29.87
C LEU B 182 -12.59 4.86 -30.52
N GLU B 183 -11.50 5.34 -31.13
CA GLU B 183 -10.65 4.45 -31.92
C GLU B 183 -9.99 3.39 -31.05
N ILE B 184 -9.71 3.71 -29.78
CA ILE B 184 -9.10 2.73 -28.89
C ILE B 184 -10.06 1.57 -28.61
N VAL B 185 -11.37 1.85 -28.65
CA VAL B 185 -12.36 0.83 -28.31
C VAL B 185 -12.27 -0.36 -29.26
N GLU B 186 -12.20 -0.08 -30.57
CA GLU B 186 -12.15 -1.17 -31.54
C GLU B 186 -10.78 -1.85 -31.56
N VAL B 187 -9.72 -1.12 -31.22
CA VAL B 187 -8.37 -1.70 -31.23
C VAL B 187 -8.29 -2.83 -30.21
N LEU B 188 -8.75 -2.58 -28.99
CA LEU B 188 -8.79 -3.64 -27.98
C LEU B 188 -9.82 -4.70 -28.35
N LEU B 189 -10.95 -4.29 -28.92
CA LEU B 189 -11.99 -5.25 -29.29
C LEU B 189 -11.49 -6.22 -30.36
N LYS B 190 -10.59 -5.74 -31.24
CA LYS B 190 -10.04 -6.61 -32.27
C LYS B 190 -9.18 -7.72 -31.67
N ASN B 191 -8.58 -7.47 -30.51
CA ASN B 191 -7.75 -8.46 -29.84
C ASN B 191 -8.52 -9.24 -28.77
N GLY B 192 -9.82 -8.98 -28.62
CA GLY B 192 -10.63 -9.76 -27.71
C GLY B 192 -11.02 -9.06 -26.42
N ALA B 193 -11.32 -7.77 -26.49
CA ALA B 193 -11.76 -7.05 -25.31
C ALA B 193 -13.19 -7.45 -24.93
N GLY B 194 -13.39 -7.74 -23.65
CA GLY B 194 -14.71 -8.13 -23.17
C GLY B 194 -15.67 -6.97 -23.06
N VAL B 195 -16.74 -7.01 -23.85
CA VAL B 195 -17.71 -5.91 -23.85
C VAL B 195 -18.50 -5.88 -22.55
N ASN B 196 -18.74 -7.04 -21.93
CA ASN B 196 -19.55 -7.14 -20.73
C ASN B 196 -18.70 -7.22 -19.46
N ALA B 197 -17.58 -6.51 -19.43
CA ALA B 197 -16.73 -6.51 -18.25
C ALA B 197 -17.32 -5.61 -17.16
N GLN B 198 -17.16 -6.03 -15.91
CA GLN B 198 -17.66 -5.30 -14.75
C GLN B 198 -16.51 -4.69 -13.96
N ASP B 199 -16.77 -3.52 -13.38
CA ASP B 199 -15.83 -2.88 -12.47
C ASP B 199 -16.22 -3.22 -11.03
N LYS B 200 -15.58 -2.56 -10.06
CA LYS B 200 -15.92 -2.79 -8.67
C LYS B 200 -17.35 -2.34 -8.34
N PHE B 201 -17.86 -1.36 -9.06
CA PHE B 201 -19.24 -0.90 -8.88
C PHE B 201 -20.24 -1.67 -9.72
N GLY B 202 -19.77 -2.57 -10.58
CA GLY B 202 -20.63 -3.34 -11.46
C GLY B 202 -20.96 -2.68 -12.77
N LYS B 203 -20.56 -1.43 -12.97
CA LYS B 203 -20.88 -0.73 -14.21
C LYS B 203 -20.01 -1.25 -15.35
N THR B 204 -20.51 -1.11 -16.57
CA THR B 204 -19.80 -1.49 -17.78
C THR B 204 -19.42 -0.26 -18.57
N ALA B 205 -18.61 -0.46 -19.61
CA ALA B 205 -18.28 0.63 -20.52
C ALA B 205 -19.53 1.15 -21.21
N PHE B 206 -20.49 0.27 -21.48
CA PHE B 206 -21.80 0.71 -21.96
C PHE B 206 -22.50 1.57 -20.93
N ASP B 207 -22.41 1.19 -19.65
CA ASP B 207 -22.97 1.99 -18.58
C ASP B 207 -22.23 3.30 -18.39
N ILE B 208 -20.95 3.35 -18.77
CA ILE B 208 -20.21 4.61 -18.72
C ILE B 208 -20.75 5.58 -19.76
N SER B 209 -21.13 5.07 -20.93
CA SER B 209 -21.59 5.92 -22.02
C SER B 209 -22.88 6.65 -21.66
N ILE B 210 -23.82 5.96 -21.03
CA ILE B 210 -25.12 6.56 -20.72
C ILE B 210 -24.96 7.68 -19.70
N ASP B 211 -24.03 7.53 -18.75
CA ASP B 211 -23.83 8.56 -17.74
C ASP B 211 -23.10 9.77 -18.31
N ASN B 212 -22.09 9.54 -19.13
CA ASN B 212 -21.26 10.63 -19.65
C ASN B 212 -21.85 11.32 -20.87
N GLY B 213 -22.98 10.83 -21.39
CA GLY B 213 -23.60 11.48 -22.52
C GLY B 213 -22.89 11.31 -23.84
N ASN B 214 -22.09 10.25 -23.99
CA ASN B 214 -21.41 9.97 -25.26
C ASN B 214 -22.37 9.14 -26.12
N GLU B 215 -22.98 9.80 -27.11
CA GLU B 215 -24.00 9.15 -27.91
C GLU B 215 -23.40 8.09 -28.84
N ASP B 216 -22.32 8.44 -29.53
CA ASP B 216 -21.77 7.53 -30.55
C ASP B 216 -21.15 6.29 -29.92
N LEU B 217 -20.46 6.45 -28.78
CA LEU B 217 -19.69 5.35 -28.21
C LEU B 217 -20.59 4.19 -27.79
N ALA B 218 -21.82 4.48 -27.38
CA ALA B 218 -22.74 3.41 -27.00
C ALA B 218 -23.10 2.53 -28.19
N GLU B 219 -23.06 3.07 -29.41
CA GLU B 219 -23.41 2.30 -30.58
C GLU B 219 -22.41 1.17 -30.84
N ILE B 220 -21.11 1.45 -30.67
CA ILE B 220 -20.09 0.45 -30.97
C ILE B 220 -20.24 -0.75 -30.03
N LEU B 221 -20.37 -0.48 -28.72
CA LEU B 221 -20.51 -1.56 -27.76
C LEU B 221 -21.80 -2.34 -27.98
N GLN B 222 -22.90 -1.63 -28.26
CA GLN B 222 -24.16 -2.31 -28.54
C GLN B 222 -24.08 -3.15 -29.81
N SER B 223 -23.38 -2.65 -30.83
CA SER B 223 -23.20 -3.41 -32.06
C SER B 223 -22.39 -4.68 -31.80
N SER B 224 -21.44 -4.63 -30.88
CA SER B 224 -20.63 -5.79 -30.51
C SER B 224 -21.23 -6.58 -29.36
N SER B 225 -22.39 -6.18 -28.85
CA SER B 225 -23.03 -6.89 -27.74
C SER B 225 -23.79 -8.11 -28.25
#